data_4B6C
#
_entry.id   4B6C
#
_cell.length_a   43.455
_cell.length_b   82.251
_cell.length_c   191.941
_cell.angle_alpha   90.00
_cell.angle_beta   90.00
_cell.angle_gamma   90.00
#
_symmetry.space_group_name_H-M   'C 2 2 21'
#
loop_
_entity.id
_entity.type
_entity.pdbx_description
1 polymer 'DNA gyrase subunit B,DNA gyrase subunit B,DNA gyrase subunit B'
2 non-polymer 6-(3,4-dimethylphenyl)-3-[[4-[3-(4-methylpiperazin-1-yl)propoxy]phenyl]amino]pyrazine-2-carboxamide
3 non-polymer 'SODIUM ION'
4 water water
#
_entity_poly.entity_id   1
_entity_poly.type   'polypeptide(L)'
_entity_poly.pdbx_seq_one_letter_code
;MPKEYGADSITILEGLEAVRKRPGMYIGSTGERGLHHLIWEVVDNAVDEAMAGFATRVDVKIHADGSVEVRDDGRGIPVE
MHATGMPTIDVVMTQVGVSVVNALSTRLEATVLRDGYEWFQYYDRSVPGKLKQGGETKETGTTIRFWADPEIFETTDYNF
ETVARRLQEMAFLNKGLTIELTDERDGKHRVFHYPG
;
_entity_poly.pdbx_strand_id   A,B
#
loop_
_chem_comp.id
_chem_comp.type
_chem_comp.name
_chem_comp.formula
B5U non-polymer 6-(3,4-dimethylphenyl)-3-[[4-[3-(4-methylpiperazin-1-yl)propoxy]phenyl]amino]pyrazine-2-carboxamide 'C27 H34 N6 O2'
NA non-polymer 'SODIUM ION' 'Na 1'
#
# COMPACT_ATOMS: atom_id res chain seq x y z
N SER A 29 -11.82 8.22 -25.90
CA SER A 29 -13.21 8.66 -25.90
C SER A 29 -13.33 10.17 -25.67
N THR A 30 -14.10 10.88 -26.54
CA THR A 30 -14.23 12.34 -26.51
C THR A 30 -15.58 12.94 -26.06
N GLY A 31 -16.40 12.13 -25.40
CA GLY A 31 -17.69 12.55 -24.86
C GLY A 31 -17.61 12.79 -23.36
N GLU A 32 -18.79 12.87 -22.66
CA GLU A 32 -18.82 13.05 -21.20
C GLU A 32 -18.24 11.80 -20.52
N ARG A 33 -18.45 10.59 -21.11
CA ARG A 33 -17.90 9.34 -20.60
C ARG A 33 -16.36 9.36 -20.61
N GLY A 34 -15.78 9.75 -21.74
CA GLY A 34 -14.33 9.86 -21.95
C GLY A 34 -13.70 10.93 -21.10
N LEU A 35 -14.43 12.05 -20.88
CA LEU A 35 -14.04 13.17 -20.00
C LEU A 35 -13.93 12.66 -18.57
N HIS A 36 -14.93 11.88 -18.14
CA HIS A 36 -14.94 11.32 -16.78
C HIS A 36 -13.88 10.25 -16.60
N HIS A 37 -13.42 9.64 -17.70
CA HIS A 37 -12.37 8.63 -17.69
C HIS A 37 -11.02 9.21 -17.27
N LEU A 38 -10.81 10.54 -17.53
CA LEU A 38 -9.61 11.27 -17.13
C LEU A 38 -9.53 11.30 -15.62
N ILE A 39 -10.69 11.51 -14.96
CA ILE A 39 -10.80 11.47 -13.50
C ILE A 39 -10.52 10.06 -12.99
N TRP A 40 -11.11 9.04 -13.65
CA TRP A 40 -10.96 7.63 -13.24
C TRP A 40 -9.49 7.19 -13.22
N GLU A 41 -8.71 7.55 -14.25
N GLU A 41 -8.71 7.56 -14.26
CA GLU A 41 -7.28 7.21 -14.35
CA GLU A 41 -7.29 7.23 -14.39
C GLU A 41 -6.40 7.83 -13.26
C GLU A 41 -6.41 7.83 -13.27
N VAL A 42 -6.61 9.13 -12.96
CA VAL A 42 -5.87 9.84 -11.91
C VAL A 42 -6.21 9.23 -10.53
N VAL A 43 -7.53 9.06 -10.25
CA VAL A 43 -8.05 8.51 -9.00
C VAL A 43 -7.59 7.04 -8.84
N ASP A 44 -7.63 6.20 -9.90
CA ASP A 44 -7.18 4.79 -9.78
C ASP A 44 -5.75 4.71 -9.23
N ASN A 45 -4.88 5.67 -9.64
CA ASN A 45 -3.49 5.73 -9.21
C ASN A 45 -3.34 6.12 -7.74
N ALA A 46 -4.12 7.12 -7.29
CA ALA A 46 -4.14 7.60 -5.91
C ALA A 46 -4.66 6.51 -4.96
N VAL A 47 -5.68 5.76 -5.41
CA VAL A 47 -6.32 4.67 -4.68
C VAL A 47 -5.40 3.44 -4.57
N ASP A 48 -4.48 3.23 -5.55
CA ASP A 48 -3.47 2.16 -5.51
C ASP A 48 -2.53 2.34 -4.31
N GLU A 49 -2.19 3.61 -3.96
CA GLU A 49 -1.38 3.99 -2.80
C GLU A 49 -2.08 3.64 -1.50
N ALA A 50 -3.41 3.78 -1.48
CA ALA A 50 -4.24 3.46 -0.32
C ALA A 50 -4.34 1.93 -0.11
N MET A 51 -4.58 1.15 -1.19
CA MET A 51 -4.69 -0.32 -1.19
C MET A 51 -3.43 -0.92 -0.56
N ALA A 52 -2.27 -0.34 -0.91
CA ALA A 52 -0.92 -0.69 -0.52
C ALA A 52 -0.57 -0.17 0.89
N GLY A 53 -1.50 0.56 1.51
CA GLY A 53 -1.37 1.07 2.87
C GLY A 53 -0.45 2.24 3.04
N PHE A 54 -0.23 3.02 1.97
CA PHE A 54 0.65 4.21 2.01
C PHE A 54 -0.16 5.48 2.20
N ALA A 55 -1.31 5.60 1.50
CA ALA A 55 -2.22 6.76 1.59
C ALA A 55 -3.41 6.43 2.51
N THR A 56 -3.94 7.44 3.20
CA THR A 56 -5.08 7.28 4.10
C THR A 56 -6.29 8.07 3.60
N ARG A 57 -6.06 9.03 2.69
CA ARG A 57 -7.11 9.89 2.18
C ARG A 57 -6.91 10.34 0.75
N VAL A 58 -8.04 10.56 0.04
CA VAL A 58 -8.00 11.08 -1.32
C VAL A 58 -8.91 12.29 -1.37
N ASP A 59 -8.42 13.40 -1.88
CA ASP A 59 -9.24 14.61 -2.02
C ASP A 59 -9.41 14.87 -3.49
N VAL A 60 -10.67 15.03 -3.95
CA VAL A 60 -11.02 15.34 -5.35
C VAL A 60 -11.75 16.69 -5.36
N LYS A 61 -11.17 17.65 -6.08
CA LYS A 61 -11.75 18.98 -6.17
C LYS A 61 -12.04 19.29 -7.62
N ILE A 62 -13.31 19.58 -7.92
CA ILE A 62 -13.76 19.98 -9.26
C ILE A 62 -13.72 21.51 -9.20
N HIS A 63 -12.76 22.15 -9.89
CA HIS A 63 -12.57 23.61 -9.84
C HIS A 63 -13.50 24.40 -10.77
N ALA A 64 -13.61 25.73 -10.54
CA ALA A 64 -14.42 26.63 -11.36
C ALA A 64 -13.72 26.99 -12.70
N ASP A 65 -12.43 26.63 -12.83
CA ASP A 65 -11.59 26.90 -14.01
C ASP A 65 -11.57 25.77 -15.06
N GLY A 66 -12.32 24.68 -14.82
CA GLY A 66 -12.41 23.57 -15.75
C GLY A 66 -11.48 22.42 -15.44
N SER A 67 -10.59 22.63 -14.44
CA SER A 67 -9.62 21.66 -13.96
C SER A 67 -10.15 20.77 -12.85
N VAL A 68 -9.49 19.60 -12.67
CA VAL A 68 -9.79 18.66 -11.59
C VAL A 68 -8.49 18.38 -10.85
N GLU A 69 -8.55 18.48 -9.53
CA GLU A 69 -7.41 18.25 -8.66
C GLU A 69 -7.67 16.98 -7.85
N VAL A 70 -6.71 16.04 -7.90
CA VAL A 70 -6.73 14.80 -7.13
C VAL A 70 -5.52 14.75 -6.18
N ARG A 71 -5.79 14.87 -4.89
CA ARG A 71 -4.71 14.85 -3.90
C ARG A 71 -4.73 13.60 -3.02
N ASP A 72 -3.58 12.99 -2.79
CA ASP A 72 -3.47 11.87 -1.88
C ASP A 72 -2.28 12.12 -0.93
N ASP A 73 -2.23 11.42 0.21
CA ASP A 73 -1.11 11.52 1.16
C ASP A 73 -0.25 10.24 1.08
N GLY A 74 -0.03 9.72 -0.15
CA GLY A 74 0.78 8.53 -0.40
C GLY A 74 2.27 8.78 -0.26
N ARG A 75 3.08 8.04 -1.01
CA ARG A 75 4.55 8.11 -0.98
C ARG A 75 5.12 9.29 -1.81
N GLY A 76 4.32 9.81 -2.72
CA GLY A 76 4.75 10.79 -3.69
C GLY A 76 5.27 10.07 -4.94
N ILE A 77 4.85 10.51 -6.15
CA ILE A 77 5.36 9.97 -7.42
C ILE A 77 6.88 10.22 -7.46
N PRO A 78 7.72 9.17 -7.68
CA PRO A 78 9.17 9.39 -7.76
C PRO A 78 9.61 10.46 -8.75
N VAL A 79 10.47 11.38 -8.27
CA VAL A 79 11.05 12.50 -9.01
C VAL A 79 12.50 12.20 -9.38
N PRO A 87 16.96 2.21 -18.05
CA PRO A 87 16.14 2.71 -19.16
C PRO A 87 15.47 4.03 -18.84
N THR A 88 15.14 4.82 -19.89
CA THR A 88 14.43 6.10 -19.77
C THR A 88 12.99 5.86 -19.33
N ILE A 89 12.52 4.60 -19.50
CA ILE A 89 11.21 4.08 -19.10
C ILE A 89 11.37 3.23 -17.79
N ASP A 90 11.86 3.91 -16.74
CA ASP A 90 12.14 3.53 -15.36
C ASP A 90 11.87 4.82 -14.54
N VAL A 91 11.65 5.95 -15.26
CA VAL A 91 11.29 7.26 -14.72
C VAL A 91 9.75 7.22 -14.58
N VAL A 92 9.23 7.16 -13.33
CA VAL A 92 7.79 7.08 -13.01
C VAL A 92 6.98 8.27 -13.59
N MET A 93 7.55 9.50 -13.58
CA MET A 93 6.90 10.70 -14.12
C MET A 93 6.58 10.56 -15.61
N THR A 94 7.33 9.70 -16.33
CA THR A 94 7.11 9.43 -17.76
C THR A 94 5.72 8.77 -17.94
N GLN A 95 5.27 7.98 -16.94
CA GLN A 95 3.94 7.38 -17.00
C GLN A 95 2.85 8.48 -16.97
N VAL A 96 3.13 9.62 -16.26
CA VAL A 96 2.23 10.78 -16.23
C VAL A 96 2.27 11.50 -17.58
N GLY A 97 3.47 11.79 -18.06
CA GLY A 97 3.69 12.42 -19.36
C GLY A 97 3.10 11.72 -20.56
N VAL A 98 3.14 10.38 -20.59
CA VAL A 98 2.65 9.56 -21.70
C VAL A 98 1.16 9.23 -21.57
N SER A 99 0.55 9.53 -20.41
CA SER A 99 -0.86 9.22 -20.16
C SER A 99 -1.85 9.97 -21.05
N VAL A 100 -3.07 9.40 -21.16
CA VAL A 100 -4.22 9.94 -21.88
C VAL A 100 -4.64 11.28 -21.23
N VAL A 101 -4.59 11.34 -19.86
CA VAL A 101 -4.91 12.51 -19.05
C VAL A 101 -4.02 13.69 -19.49
N ASN A 102 -2.71 13.44 -19.68
CA ASN A 102 -1.80 14.50 -20.11
C ASN A 102 -1.95 14.84 -21.59
N ALA A 103 -2.28 13.82 -22.41
CA ALA A 103 -2.47 13.94 -23.86
C ALA A 103 -3.73 14.75 -24.18
N LEU A 104 -4.85 14.46 -23.49
CA LEU A 104 -6.14 15.11 -23.71
C LEU A 104 -6.37 16.38 -22.86
N SER A 105 -5.29 16.89 -22.20
CA SER A 105 -5.32 18.09 -21.38
C SER A 105 -4.45 19.18 -21.97
N THR A 106 -4.94 20.44 -21.90
CA THR A 106 -4.21 21.63 -22.33
C THR A 106 -3.07 21.89 -21.35
N ARG A 107 -3.30 21.54 -20.08
CA ARG A 107 -2.36 21.69 -18.96
C ARG A 107 -2.55 20.57 -17.94
N LEU A 108 -1.44 20.14 -17.34
CA LEU A 108 -1.38 19.18 -16.26
C LEU A 108 -0.28 19.61 -15.30
N GLU A 109 -0.60 19.62 -14.01
CA GLU A 109 0.29 19.98 -12.93
C GLU A 109 0.41 18.86 -11.95
N ALA A 110 1.63 18.30 -11.82
CA ALA A 110 1.90 17.23 -10.85
C ALA A 110 2.77 17.81 -9.74
N THR A 111 2.28 17.73 -8.49
CA THR A 111 2.95 18.30 -7.32
C THR A 111 3.22 17.18 -6.33
N VAL A 112 4.50 16.91 -6.13
CA VAL A 112 4.97 15.81 -5.30
C VAL A 112 5.57 16.27 -4.00
N LEU A 113 5.13 15.63 -2.89
CA LEU A 113 5.73 15.86 -1.58
C LEU A 113 6.49 14.55 -1.33
N ARG A 114 7.81 14.60 -1.48
CA ARG A 114 8.66 13.42 -1.39
C ARG A 114 10.08 13.83 -1.14
N ASP A 115 10.85 12.96 -0.41
CA ASP A 115 12.27 13.09 -0.10
C ASP A 115 12.67 14.43 0.57
N GLY A 116 11.79 14.97 1.41
CA GLY A 116 12.04 16.21 2.14
C GLY A 116 11.65 17.49 1.42
N TYR A 117 11.20 17.38 0.17
CA TYR A 117 10.83 18.56 -0.62
C TYR A 117 9.49 18.45 -1.32
N GLU A 118 8.98 19.60 -1.71
CA GLU A 118 7.81 19.75 -2.55
C GLU A 118 8.40 19.91 -3.97
N TRP A 119 7.87 19.13 -4.92
CA TRP A 119 8.33 19.11 -6.30
C TRP A 119 7.20 19.48 -7.26
N PHE A 120 7.53 20.24 -8.31
CA PHE A 120 6.57 20.65 -9.32
C PHE A 120 6.99 20.18 -10.72
N GLN A 121 6.11 19.38 -11.32
CA GLN A 121 6.31 18.90 -12.69
C GLN A 121 5.08 19.33 -13.45
N TYR A 122 5.22 20.37 -14.24
CA TYR A 122 4.13 20.92 -15.00
C TYR A 122 4.30 20.53 -16.47
N TYR A 123 3.18 20.42 -17.18
CA TYR A 123 3.10 20.10 -18.60
C TYR A 123 2.27 21.20 -19.25
N ASP A 124 2.70 21.65 -20.41
CA ASP A 124 2.02 22.69 -21.17
C ASP A 124 1.70 22.06 -22.53
N ARG A 125 0.43 21.62 -22.72
CA ARG A 125 -0.09 20.92 -23.91
C ARG A 125 0.70 19.64 -24.17
N SER A 126 0.82 18.82 -23.11
CA SER A 126 1.55 17.54 -23.03
C SER A 126 3.09 17.72 -22.90
N VAL A 127 3.62 18.88 -23.29
CA VAL A 127 5.05 19.20 -23.26
C VAL A 127 5.52 19.53 -21.83
N PRO A 128 6.42 18.69 -21.22
CA PRO A 128 6.87 18.97 -19.85
C PRO A 128 7.89 20.09 -19.71
N GLY A 129 7.74 20.87 -18.65
CA GLY A 129 8.71 21.87 -18.25
C GLY A 129 9.79 21.19 -17.43
N LYS A 130 10.79 21.94 -16.97
CA LYS A 130 11.86 21.39 -16.15
C LYS A 130 11.31 21.05 -14.73
N LEU A 131 11.91 20.08 -14.04
CA LEU A 131 11.45 19.73 -12.70
C LEU A 131 11.89 20.79 -11.69
N LYS A 132 10.91 21.43 -11.00
CA LYS A 132 11.18 22.46 -10.02
C LYS A 132 11.16 21.92 -8.59
N GLN A 133 12.20 22.21 -7.82
CA GLN A 133 12.32 21.82 -6.42
C GLN A 133 11.92 23.01 -5.55
N GLY A 134 10.81 22.87 -4.83
CA GLY A 134 10.29 23.92 -3.97
C GLY A 134 10.82 23.86 -2.56
N GLY A 135 10.00 24.27 -1.61
CA GLY A 135 10.35 24.24 -0.19
C GLY A 135 10.41 22.86 0.43
N GLU A 136 10.98 22.83 1.64
CA GLU A 136 11.14 21.65 2.48
C GLU A 136 9.81 21.22 3.11
N THR A 137 9.66 19.92 3.35
CA THR A 137 8.47 19.29 3.94
C THR A 137 8.80 17.89 4.49
N LYS A 138 8.17 17.51 5.61
CA LYS A 138 8.36 16.16 6.15
C LYS A 138 7.27 15.25 5.57
N GLU A 139 6.23 15.86 4.94
CA GLU A 139 5.09 15.16 4.33
C GLU A 139 5.40 14.45 3.00
N THR A 140 4.59 13.43 2.68
CA THR A 140 4.67 12.69 1.43
C THR A 140 3.29 12.68 0.74
N GLY A 141 3.28 12.67 -0.58
CA GLY A 141 2.02 12.66 -1.32
C GLY A 141 2.09 13.21 -2.73
N THR A 142 0.98 13.03 -3.47
CA THR A 142 0.83 13.45 -4.86
C THR A 142 -0.46 14.26 -5.06
N THR A 143 -0.34 15.41 -5.78
CA THR A 143 -1.45 16.23 -6.28
C THR A 143 -1.30 16.19 -7.82
N ILE A 144 -2.38 15.85 -8.53
CA ILE A 144 -2.46 15.87 -9.99
C ILE A 144 -3.60 16.85 -10.29
N ARG A 145 -3.33 17.88 -11.08
CA ARG A 145 -4.35 18.85 -11.47
C ARG A 145 -4.33 18.93 -12.99
N PHE A 146 -5.46 18.70 -13.65
CA PHE A 146 -5.51 18.70 -15.11
C PHE A 146 -6.71 19.47 -15.64
N TRP A 147 -6.46 20.20 -16.74
CA TRP A 147 -7.41 21.01 -17.48
C TRP A 147 -7.70 20.25 -18.78
N ALA A 148 -8.79 19.45 -18.79
CA ALA A 148 -9.23 18.72 -19.98
C ALA A 148 -9.45 19.73 -21.13
N ASP A 149 -8.92 19.40 -22.31
CA ASP A 149 -8.94 20.23 -23.51
C ASP A 149 -10.38 20.53 -24.03
N PRO A 150 -10.83 21.83 -23.96
CA PRO A 150 -12.17 22.19 -24.46
C PRO A 150 -12.41 21.93 -25.94
N GLU A 151 -11.33 21.77 -26.74
CA GLU A 151 -11.38 21.48 -28.18
C GLU A 151 -11.61 19.99 -28.40
N ILE A 152 -11.00 19.14 -27.53
CA ILE A 152 -11.03 17.69 -27.58
C ILE A 152 -12.37 17.10 -27.09
N PHE A 153 -12.98 17.72 -26.08
CA PHE A 153 -14.26 17.30 -25.50
C PHE A 153 -15.29 18.39 -25.80
N GLU A 154 -16.49 17.99 -26.25
CA GLU A 154 -17.58 18.92 -26.59
C GLU A 154 -18.43 19.33 -25.36
N THR A 155 -18.01 18.88 -24.13
CA THR A 155 -18.70 19.16 -22.87
C THR A 155 -17.85 19.86 -21.80
N THR A 156 -16.71 19.23 -21.38
CA THR A 156 -15.83 19.66 -20.28
C THR A 156 -16.57 19.87 -18.93
N ASP A 157 -17.91 19.67 -18.93
CA ASP A 157 -18.76 19.78 -17.74
C ASP A 157 -18.89 18.42 -17.07
N TYR A 158 -18.13 18.26 -15.98
CA TYR A 158 -18.13 17.06 -15.16
C TYR A 158 -19.45 16.98 -14.43
N ASN A 159 -19.85 15.77 -14.12
CA ASN A 159 -21.08 15.49 -13.43
C ASN A 159 -20.75 15.04 -11.99
N PHE A 160 -21.14 15.86 -10.99
CA PHE A 160 -20.92 15.59 -9.58
C PHE A 160 -21.40 14.19 -9.16
N GLU A 161 -22.60 13.78 -9.63
CA GLU A 161 -23.26 12.49 -9.34
C GLU A 161 -22.46 11.31 -9.86
N THR A 162 -21.94 11.43 -11.09
CA THR A 162 -21.10 10.44 -11.77
C THR A 162 -19.79 10.26 -10.97
N VAL A 163 -19.13 11.40 -10.63
CA VAL A 163 -17.89 11.39 -9.83
C VAL A 163 -18.16 10.76 -8.46
N ALA A 164 -19.27 11.16 -7.80
CA ALA A 164 -19.68 10.61 -6.51
C ALA A 164 -19.94 9.10 -6.64
N ARG A 165 -20.54 8.64 -7.74
CA ARG A 165 -20.78 7.21 -7.95
C ARG A 165 -19.44 6.43 -7.94
N ARG A 166 -18.43 6.93 -8.66
CA ARG A 166 -17.10 6.33 -8.77
C ARG A 166 -16.37 6.38 -7.40
N LEU A 167 -16.38 7.55 -6.75
CA LEU A 167 -15.74 7.76 -5.47
C LEU A 167 -16.37 6.97 -4.31
N GLN A 168 -17.69 6.69 -4.37
CA GLN A 168 -18.40 5.84 -3.40
C GLN A 168 -17.86 4.39 -3.51
N GLU A 169 -17.64 3.90 -4.75
CA GLU A 169 -17.04 2.57 -5.03
C GLU A 169 -15.57 2.50 -4.49
N MET A 170 -14.74 3.55 -4.74
CA MET A 170 -13.33 3.63 -4.29
C MET A 170 -13.22 3.46 -2.75
N ALA A 171 -14.04 4.20 -1.97
CA ALA A 171 -14.07 4.10 -0.50
C ALA A 171 -14.61 2.76 -0.02
N PHE A 172 -15.67 2.21 -0.68
CA PHE A 172 -16.25 0.90 -0.34
C PHE A 172 -15.28 -0.28 -0.59
N LEU A 173 -14.42 -0.17 -1.61
CA LEU A 173 -13.40 -1.21 -1.91
C LEU A 173 -12.16 -1.08 -0.99
N ASN A 174 -12.03 0.08 -0.31
CA ASN A 174 -10.88 0.45 0.52
C ASN A 174 -11.37 0.96 1.87
N LYS A 175 -11.88 0.04 2.69
CA LYS A 175 -12.51 0.36 3.99
C LYS A 175 -11.53 1.07 4.91
N GLY A 176 -11.93 2.23 5.40
CA GLY A 176 -11.09 3.07 6.26
C GLY A 176 -10.42 4.18 5.48
N LEU A 177 -10.55 4.15 4.14
CA LEU A 177 -10.01 5.24 3.33
C LEU A 177 -11.07 6.33 3.33
N THR A 178 -10.65 7.59 3.51
CA THR A 178 -11.54 8.75 3.46
C THR A 178 -11.37 9.44 2.12
N ILE A 179 -12.48 9.68 1.43
CA ILE A 179 -12.49 10.39 0.17
C ILE A 179 -13.42 11.57 0.29
N GLU A 180 -12.91 12.73 -0.01
CA GLU A 180 -13.69 13.94 0.03
C GLU A 180 -13.81 14.50 -1.36
N LEU A 181 -15.04 14.80 -1.78
CA LEU A 181 -15.35 15.40 -3.08
C LEU A 181 -15.92 16.79 -2.86
N THR A 182 -15.37 17.80 -3.55
CA THR A 182 -15.85 19.19 -3.48
C THR A 182 -15.98 19.74 -4.88
N ASP A 183 -17.09 20.44 -5.13
CA ASP A 183 -17.37 21.09 -6.41
C ASP A 183 -17.41 22.58 -6.16
N GLU A 184 -16.37 23.29 -6.60
CA GLU A 184 -16.29 24.75 -6.47
C GLU A 184 -17.37 25.49 -7.27
N ARG A 185 -17.91 24.85 -8.35
CA ARG A 185 -18.91 25.46 -9.23
C ARG A 185 -20.23 25.80 -8.52
N ASP A 186 -20.65 24.98 -7.54
CA ASP A 186 -21.92 25.16 -6.84
C ASP A 186 -21.90 24.89 -5.31
N GLY A 187 -20.72 24.57 -4.78
CA GLY A 187 -20.55 24.27 -3.37
C GLY A 187 -20.94 22.86 -2.96
N LYS A 188 -21.21 21.95 -3.95
CA LYS A 188 -21.56 20.55 -3.63
C LYS A 188 -20.35 19.87 -2.99
N HIS A 189 -20.57 19.22 -1.85
CA HIS A 189 -19.54 18.56 -1.05
C HIS A 189 -20.02 17.22 -0.55
N ARG A 190 -19.16 16.20 -0.61
CA ARG A 190 -19.44 14.86 -0.10
C ARG A 190 -18.23 14.19 0.49
N VAL A 191 -18.44 13.44 1.59
CA VAL A 191 -17.44 12.64 2.31
C VAL A 191 -17.80 11.15 2.15
N PHE A 192 -16.82 10.34 1.76
CA PHE A 192 -17.00 8.89 1.55
C PHE A 192 -16.05 8.13 2.44
N HIS A 193 -16.61 7.31 3.33
CA HIS A 193 -15.87 6.52 4.31
C HIS A 193 -16.69 5.30 4.77
N TYR A 194 -16.13 4.11 4.63
CA TYR A 194 -16.75 2.87 5.10
C TYR A 194 -15.86 2.35 6.21
N PRO A 195 -16.36 2.22 7.45
CA PRO A 195 -15.49 1.76 8.54
C PRO A 195 -15.28 0.24 8.49
N GLY A 196 -14.00 -0.16 8.32
N GLY A 196 -14.01 -0.16 8.35
CA GLY A 196 -13.52 -1.53 8.22
CA GLY A 196 -13.61 -1.57 8.30
C GLY A 196 -14.37 -2.62 8.84
C GLY A 196 -12.18 -1.73 7.81
N THR B 30 -11.60 -4.68 8.04
CA THR B 30 -12.23 -5.98 7.79
C THR B 30 -12.60 -6.21 6.31
N GLY B 31 -12.05 -5.39 5.41
CA GLY B 31 -12.21 -5.50 3.96
C GLY B 31 -10.89 -5.85 3.29
N GLU B 32 -10.75 -5.64 1.94
CA GLU B 32 -9.46 -5.90 1.25
C GLU B 32 -8.35 -4.99 1.77
N ARG B 33 -8.67 -3.74 2.16
CA ARG B 33 -7.70 -2.81 2.71
C ARG B 33 -7.17 -3.34 4.09
N GLY B 34 -8.09 -3.73 4.98
CA GLY B 34 -7.81 -4.30 6.29
C GLY B 34 -7.17 -5.68 6.25
N LEU B 35 -7.53 -6.52 5.24
CA LEU B 35 -6.97 -7.86 5.05
C LEU B 35 -5.46 -7.77 4.77
N HIS B 36 -5.11 -6.89 3.83
CA HIS B 36 -3.73 -6.68 3.42
C HIS B 36 -2.86 -6.09 4.56
N HIS B 37 -3.48 -5.36 5.50
CA HIS B 37 -2.79 -4.77 6.64
C HIS B 37 -2.14 -5.86 7.55
N LEU B 38 -2.72 -7.07 7.58
CA LEU B 38 -2.12 -8.20 8.32
C LEU B 38 -0.78 -8.56 7.70
N ILE B 39 -0.65 -8.50 6.34
CA ILE B 39 0.64 -8.75 5.68
C ILE B 39 1.60 -7.59 5.98
N TRP B 40 1.14 -6.35 5.85
CA TRP B 40 1.99 -5.17 6.08
C TRP B 40 2.66 -5.24 7.44
N GLU B 41 1.87 -5.60 8.46
CA GLU B 41 2.30 -5.70 9.85
C GLU B 41 3.44 -6.72 10.05
N VAL B 42 3.24 -7.94 9.59
CA VAL B 42 4.21 -9.04 9.65
C VAL B 42 5.49 -8.69 8.86
N VAL B 43 5.31 -8.20 7.61
CA VAL B 43 6.36 -7.74 6.72
C VAL B 43 7.13 -6.54 7.34
N ASP B 44 6.45 -5.58 8.00
CA ASP B 44 7.17 -4.46 8.66
C ASP B 44 8.16 -4.97 9.72
N ASN B 45 7.72 -5.93 10.55
CA ASN B 45 8.58 -6.52 11.59
C ASN B 45 9.82 -7.25 11.02
N ALA B 46 9.65 -7.98 9.89
CA ALA B 46 10.73 -8.67 9.19
C ALA B 46 11.69 -7.64 8.59
N VAL B 47 11.13 -6.57 8.04
CA VAL B 47 11.86 -5.50 7.38
C VAL B 47 12.67 -4.66 8.37
N ASP B 48 12.16 -4.50 9.62
CA ASP B 48 12.89 -3.84 10.71
C ASP B 48 14.19 -4.60 11.02
N GLU B 49 14.20 -5.94 10.84
CA GLU B 49 15.40 -6.77 11.04
C GLU B 49 16.43 -6.42 10.01
N ALA B 50 15.99 -6.20 8.74
CA ALA B 50 16.85 -5.85 7.61
C ALA B 50 17.42 -4.43 7.74
N MET B 51 16.59 -3.44 8.08
N MET B 51 16.55 -3.44 8.13
CA MET B 51 17.03 -2.05 8.25
CA MET B 51 16.89 -2.03 8.36
C MET B 51 18.11 -1.97 9.37
C MET B 51 18.05 -1.95 9.38
N ALA B 52 17.93 -2.74 10.48
CA ALA B 52 18.89 -2.79 11.60
C ALA B 52 20.13 -3.70 11.34
N GLY B 53 20.31 -4.13 10.09
CA GLY B 53 21.45 -4.93 9.65
C GLY B 53 21.50 -6.36 10.15
N PHE B 54 20.35 -6.98 10.42
CA PHE B 54 20.34 -8.36 10.90
C PHE B 54 19.82 -9.32 9.85
N ALA B 55 18.83 -8.92 9.06
CA ALA B 55 18.30 -9.79 8.02
C ALA B 55 18.86 -9.32 6.69
N THR B 56 18.97 -10.27 5.75
CA THR B 56 19.45 -10.04 4.40
C THR B 56 18.35 -10.48 3.40
N ARG B 57 17.41 -11.32 3.86
CA ARG B 57 16.36 -11.87 3.00
C ARG B 57 15.00 -11.97 3.68
N VAL B 58 13.93 -11.64 2.92
CA VAL B 58 12.52 -11.75 3.34
C VAL B 58 11.76 -12.50 2.25
N ASP B 59 11.07 -13.60 2.61
CA ASP B 59 10.23 -14.38 1.72
C ASP B 59 8.76 -14.26 2.13
N VAL B 60 7.90 -14.00 1.15
CA VAL B 60 6.46 -13.93 1.34
C VAL B 60 5.79 -14.98 0.44
N LYS B 61 4.93 -15.85 1.01
CA LYS B 61 4.18 -16.83 0.23
C LYS B 61 2.68 -16.62 0.46
N ILE B 62 1.90 -16.54 -0.62
CA ILE B 62 0.45 -16.48 -0.53
C ILE B 62 0.03 -17.91 -0.91
N HIS B 63 -0.52 -18.65 0.05
CA HIS B 63 -0.96 -20.03 -0.18
C HIS B 63 -2.43 -20.04 -0.64
N ALA B 64 -2.90 -21.16 -1.22
CA ALA B 64 -4.27 -21.31 -1.70
C ALA B 64 -5.24 -21.75 -0.61
N ASP B 65 -4.79 -21.85 0.67
CA ASP B 65 -5.64 -22.23 1.80
C ASP B 65 -6.03 -21.02 2.69
N GLY B 66 -5.80 -19.81 2.19
CA GLY B 66 -6.13 -18.57 2.89
C GLY B 66 -5.00 -18.03 3.73
N SER B 67 -3.91 -18.81 3.86
CA SER B 67 -2.77 -18.38 4.67
C SER B 67 -1.70 -17.64 3.91
N VAL B 68 -0.94 -16.85 4.67
CA VAL B 68 0.20 -16.09 4.23
C VAL B 68 1.32 -16.48 5.17
N GLU B 69 2.50 -16.71 4.60
CA GLU B 69 3.71 -17.11 5.28
C GLU B 69 4.78 -16.06 4.95
N VAL B 70 5.40 -15.50 5.99
CA VAL B 70 6.50 -14.53 5.89
C VAL B 70 7.71 -15.11 6.65
N ARG B 71 8.82 -15.29 5.93
CA ARG B 71 10.09 -15.80 6.45
C ARG B 71 11.18 -14.71 6.35
N ASP B 72 12.02 -14.57 7.39
CA ASP B 72 13.20 -13.68 7.37
C ASP B 72 14.40 -14.44 7.99
N ASP B 73 15.62 -13.98 7.75
CA ASP B 73 16.83 -14.57 8.35
C ASP B 73 17.37 -13.56 9.40
N GLY B 74 16.46 -12.89 10.12
CA GLY B 74 16.80 -11.97 11.20
C GLY B 74 17.26 -12.67 12.46
N ARG B 75 17.11 -11.99 13.63
CA ARG B 75 17.55 -12.54 14.94
C ARG B 75 16.63 -13.63 15.51
N GLY B 76 15.41 -13.71 15.00
CA GLY B 76 14.39 -14.58 15.56
C GLY B 76 13.66 -13.82 16.67
N ILE B 77 12.32 -13.91 16.72
CA ILE B 77 11.53 -13.24 17.77
C ILE B 77 11.98 -13.85 19.10
N PRO B 78 12.32 -13.03 20.14
CA PRO B 78 12.74 -13.62 21.44
C PRO B 78 11.71 -14.59 22.00
N VAL B 79 12.19 -15.75 22.45
CA VAL B 79 11.40 -16.89 23.00
C VAL B 79 11.64 -17.12 24.48
N GLU B 80 12.70 -16.50 25.04
CA GLU B 80 13.03 -16.58 26.46
C GLU B 80 11.91 -15.89 27.25
N MET B 81 11.73 -16.27 28.53
CA MET B 81 10.71 -15.70 29.42
C MET B 81 10.77 -14.18 29.51
N HIS B 82 9.60 -13.55 29.45
CA HIS B 82 9.37 -12.13 29.63
C HIS B 82 9.04 -11.98 31.12
N ALA B 83 9.19 -10.74 31.66
CA ALA B 83 8.90 -10.42 33.05
C ALA B 83 7.44 -10.69 33.44
N THR B 84 6.50 -10.58 32.45
CA THR B 84 5.07 -10.90 32.61
C THR B 84 4.76 -12.41 32.80
N GLY B 85 5.80 -13.24 32.88
CA GLY B 85 5.68 -14.67 33.18
C GLY B 85 5.47 -15.66 32.07
N MET B 86 5.59 -15.23 30.81
CA MET B 86 5.40 -16.09 29.66
C MET B 86 6.49 -15.85 28.60
N PRO B 87 6.70 -16.76 27.60
CA PRO B 87 7.68 -16.45 26.54
C PRO B 87 7.45 -15.08 25.91
N THR B 88 8.52 -14.35 25.57
CA THR B 88 8.45 -13.01 24.97
C THR B 88 7.55 -13.00 23.72
N ILE B 89 7.57 -14.09 22.94
CA ILE B 89 6.78 -14.24 21.71
C ILE B 89 5.25 -14.20 21.95
N ASP B 90 4.79 -14.82 23.05
CA ASP B 90 3.40 -14.84 23.51
C ASP B 90 2.97 -13.45 23.94
N VAL B 91 3.87 -12.70 24.60
CA VAL B 91 3.63 -11.31 25.02
C VAL B 91 3.43 -10.44 23.75
N VAL B 92 4.35 -10.57 22.78
CA VAL B 92 4.34 -9.87 21.50
C VAL B 92 3.04 -10.23 20.69
N MET B 93 2.69 -11.52 20.63
CA MET B 93 1.51 -11.99 19.90
C MET B 93 0.15 -11.71 20.53
N THR B 94 0.06 -11.64 21.88
CA THR B 94 -1.21 -11.43 22.62
C THR B 94 -1.42 -9.99 23.13
N GLN B 95 -0.67 -9.00 22.55
CA GLN B 95 -0.75 -7.57 22.89
C GLN B 95 -2.08 -6.98 22.39
N VAL B 96 -2.93 -6.51 23.34
CA VAL B 96 -4.27 -5.95 23.04
C VAL B 96 -4.26 -4.54 22.38
N GLY B 97 -3.14 -4.25 21.71
CA GLY B 97 -2.90 -3.01 21.00
C GLY B 97 -1.63 -3.13 20.16
N VAL B 98 -1.53 -2.32 19.09
CA VAL B 98 -0.42 -2.28 18.11
C VAL B 98 -0.58 -3.43 17.07
N SER B 99 -0.78 -4.66 17.54
CA SER B 99 -0.95 -5.81 16.66
C SER B 99 -2.42 -6.24 16.48
N VAL B 100 -2.83 -6.43 15.21
CA VAL B 100 -4.17 -6.85 14.80
C VAL B 100 -4.15 -8.29 14.21
N VAL B 101 -2.93 -8.82 13.91
CA VAL B 101 -2.69 -10.09 13.25
C VAL B 101 -3.31 -11.30 13.94
N ASN B 102 -2.84 -11.61 15.16
CA ASN B 102 -3.34 -12.73 15.94
C ASN B 102 -4.85 -12.56 16.22
N ALA B 103 -5.27 -11.36 16.64
CA ALA B 103 -6.67 -10.98 16.91
C ALA B 103 -7.63 -11.23 15.70
N LEU B 104 -7.16 -10.99 14.45
CA LEU B 104 -7.98 -11.18 13.24
C LEU B 104 -7.66 -12.48 12.50
N SER B 105 -6.92 -13.40 13.14
CA SER B 105 -6.55 -14.70 12.55
C SER B 105 -7.22 -15.86 13.28
N THR B 106 -7.65 -16.92 12.55
CA THR B 106 -8.17 -18.11 13.21
C THR B 106 -6.96 -18.83 13.76
N ARG B 107 -5.79 -18.65 13.10
CA ARG B 107 -4.58 -19.33 13.52
C ARG B 107 -3.34 -18.59 13.07
N LEU B 108 -2.33 -18.56 13.94
CA LEU B 108 -1.02 -18.01 13.65
C LEU B 108 0.03 -19.04 14.12
N GLU B 109 1.00 -19.35 13.25
CA GLU B 109 2.09 -20.28 13.61
C GLU B 109 3.43 -19.60 13.45
N ALA B 110 4.28 -19.76 14.46
CA ALA B 110 5.60 -19.14 14.42
C ALA B 110 6.71 -20.17 14.58
N THR B 111 7.66 -20.13 13.64
CA THR B 111 8.87 -20.96 13.65
C THR B 111 10.02 -19.98 13.80
N VAL B 112 10.68 -20.07 14.96
CA VAL B 112 11.77 -19.20 15.32
C VAL B 112 13.05 -20.01 15.40
N LEU B 113 14.10 -19.52 14.73
CA LEU B 113 15.43 -20.12 14.81
C LEU B 113 16.19 -19.14 15.71
N ARG B 114 16.45 -19.55 16.97
CA ARG B 114 17.07 -18.67 17.96
C ARG B 114 17.79 -19.46 19.04
N ASP B 115 18.82 -18.85 19.63
CA ASP B 115 19.56 -19.41 20.77
C ASP B 115 19.96 -20.90 20.57
N GLY B 116 20.40 -21.22 19.34
CA GLY B 116 20.87 -22.55 18.98
C GLY B 116 19.81 -23.62 18.76
N TYR B 117 18.53 -23.21 18.67
CA TYR B 117 17.42 -24.16 18.47
C TYR B 117 16.34 -23.62 17.58
N GLU B 118 15.53 -24.56 17.06
CA GLU B 118 14.32 -24.28 16.33
C GLU B 118 13.22 -24.28 17.40
N TRP B 119 12.27 -23.35 17.32
CA TRP B 119 11.19 -23.22 18.29
C TRP B 119 9.91 -23.15 17.53
N PHE B 120 8.88 -23.81 18.05
CA PHE B 120 7.57 -23.76 17.41
C PHE B 120 6.54 -23.27 18.41
N GLN B 121 5.67 -22.37 17.95
CA GLN B 121 4.55 -21.84 18.72
C GLN B 121 3.36 -21.62 17.79
N TYR B 122 2.17 -21.88 18.31
CA TYR B 122 0.94 -21.65 17.58
C TYR B 122 -0.02 -20.84 18.46
N TYR B 123 -1.00 -20.16 17.81
CA TYR B 123 -2.03 -19.37 18.49
C TYR B 123 -3.34 -19.78 17.80
N ASP B 124 -4.33 -20.19 18.57
CA ASP B 124 -5.62 -20.64 18.05
C ASP B 124 -6.65 -19.63 18.54
N ARG B 125 -7.12 -18.77 17.62
CA ARG B 125 -8.04 -17.63 17.90
C ARG B 125 -7.42 -16.77 19.03
N SER B 126 -6.10 -16.46 18.89
CA SER B 126 -5.27 -15.66 19.79
C SER B 126 -4.81 -16.36 21.08
N VAL B 127 -5.30 -17.58 21.34
CA VAL B 127 -4.93 -18.33 22.54
C VAL B 127 -3.64 -19.12 22.25
N PRO B 128 -2.49 -18.81 22.93
CA PRO B 128 -1.25 -19.57 22.66
C PRO B 128 -1.28 -21.01 23.14
N GLY B 129 -0.49 -21.84 22.48
CA GLY B 129 -0.30 -23.22 22.86
C GLY B 129 0.94 -23.24 23.74
N LYS B 130 1.62 -24.38 23.82
CA LYS B 130 2.85 -24.50 24.59
C LYS B 130 4.03 -24.40 23.59
N LEU B 131 4.96 -23.48 23.84
CA LEU B 131 6.16 -23.29 23.01
C LEU B 131 7.01 -24.57 23.06
N LYS B 132 7.26 -25.17 21.87
CA LYS B 132 8.04 -26.38 21.72
C LYS B 132 9.41 -26.05 21.20
N GLN B 133 10.45 -26.59 21.85
CA GLN B 133 11.86 -26.49 21.49
C GLN B 133 12.16 -27.72 20.65
N GLY B 134 12.63 -27.48 19.43
CA GLY B 134 12.97 -28.55 18.49
C GLY B 134 14.46 -28.84 18.55
N GLY B 135 15.03 -29.16 17.38
CA GLY B 135 16.43 -29.52 17.21
C GLY B 135 17.40 -28.34 17.21
N GLU B 136 18.69 -28.65 17.31
CA GLU B 136 19.79 -27.67 17.31
C GLU B 136 19.93 -27.03 15.93
N THR B 137 20.37 -25.76 15.90
CA THR B 137 20.62 -24.96 14.69
C THR B 137 21.48 -23.75 15.03
N LYS B 138 22.45 -23.43 14.16
CA LYS B 138 23.28 -22.24 14.36
C LYS B 138 22.60 -21.03 13.70
N GLU B 139 21.62 -21.29 12.81
CA GLU B 139 20.85 -20.27 12.07
C GLU B 139 19.83 -19.49 12.93
N THR B 140 19.50 -18.27 12.49
CA THR B 140 18.54 -17.42 13.18
C THR B 140 17.53 -16.84 12.23
N GLY B 141 16.30 -16.69 12.70
CA GLY B 141 15.24 -16.10 11.89
C GLY B 141 13.84 -16.35 12.40
N THR B 142 12.86 -15.89 11.62
CA THR B 142 11.44 -16.00 11.96
C THR B 142 10.60 -16.35 10.74
N THR B 143 9.67 -17.29 10.93
CA THR B 143 8.69 -17.69 9.96
C THR B 143 7.34 -17.51 10.63
N ILE B 144 6.51 -16.64 10.06
CA ILE B 144 5.16 -16.41 10.56
C ILE B 144 4.24 -16.87 9.47
N ARG B 145 3.28 -17.74 9.81
CA ARG B 145 2.24 -18.23 8.94
C ARG B 145 0.92 -17.92 9.64
N PHE B 146 0.05 -17.15 8.97
CA PHE B 146 -1.24 -16.79 9.55
C PHE B 146 -2.39 -17.01 8.58
N TRP B 147 -3.56 -17.42 9.14
CA TRP B 147 -4.79 -17.63 8.43
C TRP B 147 -5.77 -16.58 8.90
N ALA B 148 -5.98 -15.52 8.08
CA ALA B 148 -6.98 -14.47 8.35
C ALA B 148 -8.35 -15.15 8.50
N ASP B 149 -9.11 -14.73 9.52
CA ASP B 149 -10.41 -15.30 9.84
C ASP B 149 -11.44 -15.07 8.71
N PRO B 150 -11.97 -16.16 8.07
CA PRO B 150 -12.98 -15.97 7.00
C PRO B 150 -14.37 -15.52 7.47
N GLU B 151 -14.60 -15.48 8.79
CA GLU B 151 -15.87 -15.05 9.39
C GLU B 151 -15.84 -13.53 9.61
N ILE B 152 -14.66 -12.93 9.43
CA ILE B 152 -14.41 -11.49 9.54
C ILE B 152 -14.27 -10.89 8.13
N PHE B 153 -13.46 -11.55 7.28
CA PHE B 153 -13.15 -11.10 5.92
C PHE B 153 -14.03 -11.69 4.78
N GLU B 154 -14.93 -12.64 5.11
CA GLU B 154 -15.91 -13.27 4.20
C GLU B 154 -15.32 -13.85 2.87
N THR B 155 -15.68 -13.19 1.74
CA THR B 155 -15.34 -13.51 0.35
C THR B 155 -13.96 -12.94 -0.08
N THR B 156 -13.45 -11.91 0.66
CA THR B 156 -12.20 -11.18 0.41
C THR B 156 -10.94 -12.06 0.29
N ASP B 157 -10.24 -11.89 -0.83
CA ASP B 157 -9.02 -12.59 -1.17
C ASP B 157 -7.85 -11.62 -1.29
N TYR B 158 -6.62 -12.14 -1.11
CA TYR B 158 -5.39 -11.36 -1.24
C TYR B 158 -5.12 -10.92 -2.70
N ASN B 159 -4.68 -9.67 -2.89
CA ASN B 159 -4.39 -9.15 -4.22
C ASN B 159 -2.88 -9.12 -4.45
N PHE B 160 -2.40 -9.94 -5.40
CA PHE B 160 -1.01 -10.07 -5.78
C PHE B 160 -0.33 -8.75 -6.15
N GLU B 161 -0.97 -7.94 -7.02
CA GLU B 161 -0.46 -6.64 -7.46
C GLU B 161 -0.36 -5.63 -6.31
N THR B 162 -1.21 -5.78 -5.30
CA THR B 162 -1.19 -4.90 -4.12
C THR B 162 0.00 -5.29 -3.23
N VAL B 163 0.23 -6.60 -3.06
CA VAL B 163 1.32 -7.15 -2.26
C VAL B 163 2.68 -6.80 -2.90
N ALA B 164 2.83 -6.98 -4.25
CA ALA B 164 4.02 -6.65 -5.06
C ALA B 164 4.35 -5.15 -4.94
N ARG B 165 3.33 -4.28 -4.97
CA ARG B 165 3.49 -2.82 -4.77
C ARG B 165 4.11 -2.54 -3.40
N ARG B 166 3.56 -3.15 -2.34
CA ARG B 166 4.07 -2.98 -0.99
C ARG B 166 5.50 -3.49 -0.85
N LEU B 167 5.79 -4.71 -1.37
CA LEU B 167 7.12 -5.35 -1.28
C LEU B 167 8.17 -4.67 -2.10
N GLN B 168 7.74 -4.04 -3.23
CA GLN B 168 8.66 -3.25 -4.06
C GLN B 168 9.17 -2.12 -3.19
N GLU B 169 8.26 -1.42 -2.48
CA GLU B 169 8.61 -0.32 -1.59
C GLU B 169 9.54 -0.75 -0.47
N MET B 170 9.27 -1.92 0.14
CA MET B 170 10.13 -2.45 1.23
C MET B 170 11.57 -2.69 0.75
N ALA B 171 11.74 -3.19 -0.50
CA ALA B 171 13.06 -3.44 -1.07
C ALA B 171 13.74 -2.12 -1.48
N PHE B 172 12.96 -1.17 -2.01
CA PHE B 172 13.50 0.14 -2.36
C PHE B 172 14.03 0.88 -1.14
N LEU B 173 13.34 0.81 0.01
CA LEU B 173 13.73 1.48 1.25
C LEU B 173 14.92 0.81 1.90
N ASN B 174 15.13 -0.46 1.59
CA ASN B 174 16.17 -1.28 2.17
C ASN B 174 17.07 -1.80 1.07
N LYS B 175 17.97 -0.93 0.55
CA LYS B 175 18.86 -1.29 -0.55
C LYS B 175 19.74 -2.48 -0.15
N GLY B 176 19.76 -3.52 -1.00
CA GLY B 176 20.48 -4.75 -0.76
C GLY B 176 19.62 -5.86 -0.22
N LEU B 177 18.45 -5.54 0.36
CA LEU B 177 17.56 -6.58 0.86
C LEU B 177 16.84 -7.28 -0.32
N THR B 178 16.90 -8.61 -0.35
CA THR B 178 16.21 -9.42 -1.35
C THR B 178 14.83 -9.82 -0.79
N ILE B 179 13.76 -9.46 -1.50
CA ILE B 179 12.40 -9.86 -1.11
C ILE B 179 11.80 -10.71 -2.20
N GLU B 180 11.53 -11.99 -1.88
CA GLU B 180 10.90 -12.90 -2.81
C GLU B 180 9.41 -13.01 -2.46
N LEU B 181 8.57 -13.00 -3.52
CA LEU B 181 7.11 -13.10 -3.44
C LEU B 181 6.65 -14.24 -4.34
N THR B 182 5.88 -15.19 -3.77
CA THR B 182 5.34 -16.31 -4.52
C THR B 182 3.84 -16.39 -4.24
N ASP B 183 3.03 -16.51 -5.30
CA ASP B 183 1.61 -16.67 -5.17
C ASP B 183 1.27 -18.07 -5.69
N GLU B 184 0.89 -18.94 -4.78
CA GLU B 184 0.56 -20.34 -5.12
C GLU B 184 -0.77 -20.53 -5.85
N ARG B 185 -1.63 -19.51 -5.89
CA ARG B 185 -2.96 -19.58 -6.54
C ARG B 185 -2.90 -19.55 -8.07
N ASP B 186 -1.92 -18.82 -8.64
CA ASP B 186 -1.75 -18.73 -10.09
C ASP B 186 -0.29 -18.82 -10.56
N GLY B 187 0.62 -19.08 -9.62
CA GLY B 187 2.05 -19.20 -9.92
C GLY B 187 2.83 -17.91 -10.09
N LYS B 188 2.21 -16.73 -9.87
CA LYS B 188 2.89 -15.45 -9.98
C LYS B 188 4.06 -15.39 -8.97
N HIS B 189 5.17 -14.80 -9.41
CA HIS B 189 6.41 -14.80 -8.68
C HIS B 189 7.23 -13.54 -8.92
N ARG B 190 7.86 -13.01 -7.84
CA ARG B 190 8.68 -11.81 -7.92
C ARG B 190 9.91 -11.90 -7.03
N VAL B 191 11.04 -11.38 -7.52
CA VAL B 191 12.26 -11.28 -6.72
C VAL B 191 12.70 -9.81 -6.73
N PHE B 192 12.36 -9.07 -5.65
CA PHE B 192 12.67 -7.65 -5.50
C PHE B 192 14.05 -7.46 -4.91
N HIS B 193 14.87 -6.63 -5.57
CA HIS B 193 16.22 -6.30 -5.11
C HIS B 193 16.69 -5.00 -5.72
N TYR B 194 17.06 -4.03 -4.88
CA TYR B 194 17.62 -2.76 -5.35
C TYR B 194 19.11 -2.71 -5.02
N PRO B 195 20.02 -2.87 -6.01
CA PRO B 195 21.45 -2.78 -5.69
C PRO B 195 21.81 -1.33 -5.35
N GLY B 196 22.29 -1.11 -4.13
CA GLY B 196 22.65 0.21 -3.60
C GLY B 196 23.81 0.85 -4.32
C1 B5U C . -2.26 9.99 -15.12
C2 B5U C . -1.44 9.44 -13.97
C3 B5U C . -1.48 10.09 -12.73
C4 B5U C . -0.76 9.61 -11.65
C5 B5U C . 0.07 8.49 -11.76
C6 B5U C . 0.09 7.81 -12.98
C7 B5U C . -0.65 8.25 -14.09
C8 B5U C . -0.55 7.48 -15.37
C9 B5U C . 0.80 7.96 -10.58
C10 B5U C . 1.94 7.13 -10.68
N11 B5U C . 2.60 6.67 -9.59
C12 B5U C . 2.09 7.01 -8.38
C13 B5U C . 0.90 7.82 -8.26
N14 B5U C . 0.29 8.28 -9.36
C15 B5U C . 0.35 8.28 -6.91
O16 B5U C . 0.88 7.94 -5.85
N17 B5U C . -0.72 9.07 -6.96
N18 B5U C . 2.68 6.56 -7.22
C19 B5U C . 3.94 5.96 -6.97
C20 B5U C . 4.57 5.10 -7.90
C21 B5U C . 5.79 4.52 -7.59
C22 B5U C . 6.39 4.73 -6.36
C23 B5U C . 5.76 5.56 -5.41
C24 B5U C . 4.53 6.15 -5.72
O25 B5U C . 7.60 4.14 -6.01
C26 B5U C . 8.10 3.03 -6.78
C27 B5U C . 9.31 2.43 -6.12
C28 B5U C . 10.59 3.25 -6.06
N29 B5U C . 11.10 3.75 -7.36
C30 B5U C . 11.91 4.96 -7.17
C31 B5U C . 12.46 5.47 -8.49
N32 B5U C . 13.26 4.44 -9.16
C33 B5U C . 12.43 3.26 -9.37
C34 B5U C . 11.91 2.72 -8.05
C35 B5U C . 13.78 4.94 -10.44
NA NA D . 2.45 9.76 2.98
C1 B5U E . 2.26 -10.30 14.11
C2 B5U E . 3.72 -10.09 14.44
C3 B5U E . 4.69 -10.69 13.63
C4 B5U E . 6.04 -10.56 13.88
C5 B5U E . 6.49 -9.80 14.96
C6 B5U E . 5.54 -9.20 15.79
C7 B5U E . 4.17 -9.35 15.58
C8 B5U E . 3.22 -8.68 16.54
C9 B5U E . 7.95 -9.66 15.24
C10 B5U E . 8.47 -9.18 16.45
N11 B5U E . 9.78 -9.09 16.70
C12 B5U E . 10.61 -9.50 15.71
C13 B5U E . 10.11 -9.96 14.45
N14 B5U E . 8.79 -10.08 14.27
C15 B5U E . 11.00 -10.49 13.33
O16 B5U E . 12.20 -10.67 13.49
N17 B5U E . 10.37 -10.84 12.22
N18 B5U E . 11.98 -9.46 15.92
C19 B5U E . 12.75 -9.21 17.07
C20 B5U E . 12.34 -8.27 18.04
C21 B5U E . 13.18 -7.97 19.11
C22 B5U E . 14.42 -8.60 19.23
C23 B5U E . 14.82 -9.54 18.28
C24 B5U E . 13.99 -9.83 17.20
O25 B5U E . 15.24 -8.42 20.33
C26 B5U E . 14.95 -7.42 21.33
C27 B5U E . 16.14 -7.26 22.25
C28 B5U E . 16.37 -8.34 23.31
N29 B5U E . 15.18 -8.68 24.14
C30 B5U E . 15.19 -7.96 25.42
C31 B5U E . 13.94 -8.30 26.24
N32 B5U E . 13.85 -9.74 26.48
C33 B5U E . 13.86 -10.47 25.21
C34 B5U E . 15.11 -10.12 24.39
C35 B5U E . 12.63 -10.05 27.23
NA NA F . 20.20 -14.59 11.12
#